data_7AB2
#
_entry.id   7AB2
#
_cell.length_a   91.849
_cell.length_b   92.040
_cell.length_c   71.621
_cell.angle_alpha   90.000
_cell.angle_beta   90.000
_cell.angle_gamma   90.000
#
_symmetry.space_group_name_H-M   'C 2 2 21'
#
loop_
_entity.id
_entity.type
_entity.pdbx_description
1 polymer 'Tyrosine-protein kinase Mer'
2 non-polymer 4-[2-(butylamino)-5-[4-[(4-methylpiperazin-1-yl)methyl]phenyl]pyrrolo[2,3-d]pyrimidin-7-yl]cyclohexan-1-ol
3 non-polymer 'CHLORIDE ION'
4 non-polymer 'DIMETHYL SULFOXIDE'
5 water water
#
_entity_poly.entity_id   1
_entity_poly.type   'polypeptide(L)'
_entity_poly.pdbx_seq_one_letter_code
;GSHMEELQNKLEDVVIDRNLLILGRILGEGEFGSVMEGNLKQEDGTSLKVAVKTMKLDNSSQREIEEFLSEAACMKDFSH
PNVIRLLGVCIEMSSQGIPKPMVILPFMKYGDLHTYLLYSRLETGPRHIPLQTLLRFMVDIALGMEYLSNRNFLHRDLAA
RNCMLRDDMTVCVADFGLSKKIYSGDYYRQGRIAKMPVKWIAIESLADRVYTSKSDVWAFGVTMWEIATRGMTPYPGVQN
HEMYDYLLHGHRLKQPEDCLDELYEIMYSCWRTDPLDRPTFSVLRLQLERLLESLPDV
;
_entity_poly.pdbx_strand_id   A
#
loop_
_chem_comp.id
_chem_comp.type
_chem_comp.name
_chem_comp.formula
CL non-polymer 'CHLORIDE ION' 'Cl -1'
DMS non-polymer 'DIMETHYL SULFOXIDE' 'C2 H6 O S'
R6N non-polymer 4-[2-(butylamino)-5-[4-[(4-methylpiperazin-1-yl)methyl]phenyl]pyrrolo[2,3-d]pyrimidin-7-yl]cyclohexan-1-ol 'C28 H40 N6 O'
#
# COMPACT_ATOMS: atom_id res chain seq x y z
N SER A 2 6.06 16.51 -24.85
CA SER A 2 5.47 15.24 -25.39
C SER A 2 5.50 14.07 -24.39
N HIS A 3 4.75 13.03 -24.74
CA HIS A 3 4.59 11.85 -23.87
C HIS A 3 5.92 11.09 -23.76
N MET A 4 6.68 11.04 -24.85
CA MET A 4 8.02 10.46 -24.86
C MET A 4 9.02 11.28 -24.05
N GLU A 5 8.97 12.60 -24.30
CA GLU A 5 9.72 13.63 -23.57
C GLU A 5 9.65 13.47 -22.06
N GLU A 6 8.42 13.48 -21.54
CA GLU A 6 8.13 13.29 -20.10
C GLU A 6 8.75 11.99 -19.55
N LEU A 7 8.58 10.89 -20.28
CA LEU A 7 9.12 9.58 -19.85
C LEU A 7 10.65 9.55 -19.81
N GLN A 8 11.30 10.20 -20.78
CA GLN A 8 12.74 10.36 -20.73
C GLN A 8 13.18 11.14 -19.49
N ASN A 9 12.48 12.24 -19.15
CA ASN A 9 12.83 13.08 -18.00
C ASN A 9 12.81 12.21 -16.73
N LYS A 10 11.62 11.63 -16.49
CA LYS A 10 11.36 10.79 -15.32
C LYS A 10 12.36 9.67 -15.17
N LEU A 11 12.77 9.08 -16.30
CA LEU A 11 13.80 8.04 -16.28
C LEU A 11 15.14 8.60 -15.78
N GLU A 12 15.44 9.80 -16.26
CA GLU A 12 16.65 10.53 -15.88
C GLU A 12 16.64 10.78 -14.37
N ASP A 13 15.51 11.25 -13.85
N ASP A 13 15.50 11.25 -13.87
CA ASP A 13 15.35 11.58 -12.43
CA ASP A 13 15.25 11.59 -12.48
C ASP A 13 15.32 10.38 -11.46
C ASP A 13 15.29 10.40 -11.48
N VAL A 14 14.85 9.22 -11.90
CA VAL A 14 14.67 8.11 -10.98
C VAL A 14 15.93 7.33 -10.61
N VAL A 15 16.97 7.38 -11.42
CA VAL A 15 18.14 6.51 -11.18
C VAL A 15 19.06 7.15 -10.16
N ILE A 16 19.60 6.31 -9.27
CA ILE A 16 20.58 6.74 -8.25
C ILE A 16 21.91 6.05 -8.55
N ASP A 17 22.93 6.88 -8.68
CA ASP A 17 24.33 6.48 -8.61
C ASP A 17 24.54 5.49 -7.47
N ARG A 18 25.00 4.27 -7.78
CA ARG A 18 25.36 3.26 -6.76
C ARG A 18 26.39 3.73 -5.69
N ASN A 19 27.21 4.71 -6.05
CA ASN A 19 28.16 5.37 -5.14
C ASN A 19 27.52 6.10 -4.00
N LEU A 20 26.29 6.58 -4.20
CA LEU A 20 25.64 7.42 -3.21
C LEU A 20 24.91 6.57 -2.16
N LEU A 21 25.00 5.25 -2.30
CA LEU A 21 24.30 4.32 -1.46
C LEU A 21 25.23 3.33 -0.78
N ILE A 22 25.04 3.13 0.54
CA ILE A 22 25.60 1.96 1.23
C ILE A 22 24.50 1.13 1.87
N LEU A 23 24.63 -0.19 1.73
CA LEU A 23 23.65 -1.17 2.19
C LEU A 23 24.09 -1.74 3.49
N GLY A 24 23.11 -1.98 4.37
CA GLY A 24 23.38 -2.45 5.72
C GLY A 24 22.75 -3.80 5.92
N ARG A 25 22.22 -4.01 7.12
CA ARG A 25 21.64 -5.30 7.48
C ARG A 25 20.33 -5.59 6.75
N ILE A 26 20.04 -6.89 6.62
CA ILE A 26 18.78 -7.36 6.08
C ILE A 26 17.74 -7.16 7.17
N LEU A 27 16.66 -6.47 6.83
CA LEU A 27 15.53 -6.31 7.72
C LEU A 27 14.50 -7.41 7.47
N GLY A 28 14.46 -7.95 6.26
CA GLY A 28 13.43 -8.88 5.84
C GLY A 28 13.80 -9.58 4.57
N GLU A 29 13.26 -10.77 4.37
CA GLU A 29 13.70 -11.64 3.28
C GLU A 29 12.61 -12.63 2.87
N GLY A 30 12.55 -12.96 1.59
CA GLY A 30 11.52 -13.88 1.09
C GLY A 30 11.71 -14.35 -0.35
N GLU A 31 10.68 -14.98 -0.91
CA GLU A 31 10.67 -15.35 -2.33
C GLU A 31 10.63 -14.11 -3.23
N PHE A 32 10.09 -13.00 -2.71
CA PHE A 32 10.11 -11.68 -3.36
C PHE A 32 11.55 -11.20 -3.62
N GLY A 33 12.34 -11.22 -2.54
CA GLY A 33 13.69 -10.69 -2.51
C GLY A 33 14.01 -10.26 -1.09
N SER A 34 14.67 -9.10 -0.92
CA SER A 34 15.05 -8.60 0.41
C SER A 34 14.69 -7.15 0.66
N VAL A 35 14.53 -6.83 1.93
CA VAL A 35 14.50 -5.44 2.36
C VAL A 35 15.72 -5.28 3.28
N MET A 36 16.54 -4.28 2.96
CA MET A 36 17.73 -3.95 3.69
C MET A 36 17.70 -2.49 4.12
N GLU A 37 18.37 -2.21 5.23
CA GLU A 37 18.64 -0.83 5.61
C GLU A 37 19.77 -0.26 4.74
N GLY A 38 19.69 1.04 4.47
CA GLY A 38 20.77 1.71 3.78
C GLY A 38 20.95 3.15 4.17
N ASN A 39 22.05 3.72 3.70
CA ASN A 39 22.22 5.16 3.79
C ASN A 39 22.31 5.69 2.38
N LEU A 40 21.66 6.80 2.16
CA LEU A 40 21.69 7.45 0.89
C LEU A 40 22.39 8.79 1.08
N LYS A 41 23.45 9.03 0.32
CA LYS A 41 24.05 10.38 0.33
C LYS A 41 23.22 11.37 -0.51
N GLN A 42 22.83 12.46 0.11
CA GLN A 42 21.97 13.45 -0.51
C GLN A 42 22.73 14.61 -1.19
N GLU A 43 22.03 15.37 -2.03
CA GLU A 43 22.62 16.50 -2.79
C GLU A 43 23.23 17.52 -1.82
N ASP A 44 22.61 17.68 -0.63
CA ASP A 44 23.12 18.53 0.46
C ASP A 44 24.35 18.03 1.26
N GLY A 45 25.00 16.95 0.80
CA GLY A 45 26.18 16.45 1.43
C GLY A 45 25.98 15.49 2.63
N THR A 46 24.79 15.47 3.23
CA THR A 46 24.46 14.60 4.37
C THR A 46 23.77 13.32 3.94
N SER A 47 23.88 12.29 4.79
CA SER A 47 23.27 10.99 4.50
C SER A 47 21.87 10.84 5.14
N LEU A 48 21.02 10.10 4.46
CA LEU A 48 19.67 9.78 4.90
C LEU A 48 19.53 8.28 5.08
N LYS A 49 18.94 7.87 6.21
CA LYS A 49 18.58 6.48 6.39
C LYS A 49 17.44 6.13 5.46
N VAL A 50 17.61 5.03 4.75
CA VAL A 50 16.62 4.56 3.82
C VAL A 50 16.38 3.06 3.96
N ALA A 51 15.33 2.59 3.28
CA ALA A 51 15.05 1.19 3.13
C ALA A 51 15.29 0.81 1.68
N VAL A 52 15.96 -0.33 1.42
CA VAL A 52 16.26 -0.78 0.07
C VAL A 52 15.60 -2.12 -0.17
N LYS A 53 14.64 -2.13 -1.11
CA LYS A 53 14.02 -3.37 -1.58
C LYS A 53 14.73 -3.91 -2.82
N THR A 54 15.17 -5.16 -2.72
CA THR A 54 15.99 -5.84 -3.74
C THR A 54 15.20 -7.01 -4.29
N MET A 55 15.24 -7.20 -5.60
CA MET A 55 14.36 -8.15 -6.31
C MET A 55 15.16 -9.18 -7.08
N SER A 61 15.73 -10.77 -18.58
CA SER A 61 15.53 -10.02 -19.82
C SER A 61 15.62 -8.49 -19.60
N GLN A 62 16.24 -7.82 -20.57
CA GLN A 62 16.36 -6.35 -20.64
C GLN A 62 15.00 -5.63 -20.71
N ARG A 63 14.02 -6.29 -21.33
CA ARG A 63 12.61 -5.89 -21.33
C ARG A 63 12.11 -5.74 -19.86
N GLU A 64 12.32 -6.77 -19.05
CA GLU A 64 11.87 -6.80 -17.65
C GLU A 64 12.50 -5.64 -16.87
N ILE A 65 13.78 -5.41 -17.10
CA ILE A 65 14.51 -4.27 -16.54
C ILE A 65 14.00 -2.90 -16.96
N GLU A 66 13.71 -2.74 -18.25
CA GLU A 66 13.16 -1.50 -18.78
C GLU A 66 11.75 -1.25 -18.25
N GLU A 67 11.03 -2.35 -17.98
CA GLU A 67 9.66 -2.31 -17.48
C GLU A 67 9.71 -1.74 -16.04
N PHE A 68 10.60 -2.36 -15.25
CA PHE A 68 10.91 -1.91 -13.89
C PHE A 68 11.29 -0.42 -13.84
N LEU A 69 12.25 -0.02 -14.68
CA LEU A 69 12.68 1.37 -14.77
C LEU A 69 11.56 2.34 -15.12
N SER A 70 10.76 1.99 -16.13
CA SER A 70 9.63 2.82 -16.56
C SER A 70 8.57 3.00 -15.46
N GLU A 71 8.26 1.89 -14.79
CA GLU A 71 7.29 1.83 -13.67
C GLU A 71 7.80 2.64 -12.47
N ALA A 72 9.07 2.40 -12.13
CA ALA A 72 9.79 3.18 -11.10
C ALA A 72 9.74 4.66 -11.44
N ALA A 73 10.06 5.01 -12.69
CA ALA A 73 9.94 6.41 -13.14
C ALA A 73 8.56 7.06 -12.84
N CYS A 74 7.48 6.32 -13.10
CA CYS A 74 6.12 6.82 -12.85
C CYS A 74 5.85 6.99 -11.34
N MET A 75 6.27 5.99 -10.56
CA MET A 75 6.08 6.02 -9.12
C MET A 75 6.83 7.13 -8.41
N LYS A 76 8.04 7.44 -8.88
CA LYS A 76 8.81 8.53 -8.30
C LYS A 76 8.07 9.84 -8.51
N ASP A 77 7.31 9.91 -9.59
CA ASP A 77 6.57 11.12 -9.95
C ASP A 77 5.33 11.37 -9.06
N PHE A 78 4.81 10.34 -8.38
CA PHE A 78 3.73 10.56 -7.39
C PHE A 78 4.22 11.50 -6.28
N SER A 79 3.40 12.44 -5.87
CA SER A 79 3.80 13.36 -4.87
C SER A 79 2.54 13.71 -4.05
N HIS A 80 2.35 12.94 -2.97
CA HIS A 80 1.21 13.09 -2.07
C HIS A 80 1.63 12.58 -0.66
N PRO A 81 1.29 13.31 0.43
CA PRO A 81 1.68 12.88 1.79
C PRO A 81 1.27 11.45 2.18
N ASN A 82 0.20 10.94 1.55
CA ASN A 82 -0.34 9.59 1.83
C ASN A 82 0.00 8.55 0.79
N VAL A 83 0.99 8.86 -0.03
CA VAL A 83 1.55 7.90 -0.95
C VAL A 83 3.04 7.88 -0.69
N ILE A 84 3.60 6.68 -0.58
CA ILE A 84 5.02 6.54 -0.25
C ILE A 84 5.90 7.20 -1.35
N ARG A 85 6.91 7.94 -0.91
CA ARG A 85 7.83 8.60 -1.83
C ARG A 85 8.87 7.58 -2.25
N LEU A 86 8.94 7.32 -3.54
CA LEU A 86 10.03 6.51 -4.10
C LEU A 86 11.23 7.45 -4.36
N LEU A 87 12.32 7.23 -3.64
CA LEU A 87 13.49 8.11 -3.72
C LEU A 87 14.31 7.80 -4.98
N GLY A 88 14.34 6.56 -5.47
CA GLY A 88 15.00 6.26 -6.73
C GLY A 88 15.28 4.79 -6.85
N VAL A 89 16.02 4.41 -7.90
CA VAL A 89 16.39 3.04 -8.11
C VAL A 89 17.84 2.90 -8.50
N CYS A 90 18.44 1.77 -8.16
N CYS A 90 18.35 1.69 -8.37
CA CYS A 90 19.76 1.36 -8.63
CA CYS A 90 19.73 1.39 -8.62
C CYS A 90 19.53 0.01 -9.27
C CYS A 90 19.83 -0.05 -9.09
N ILE A 91 20.29 -0.27 -10.32
CA ILE A 91 20.37 -1.62 -10.90
C ILE A 91 21.77 -2.11 -10.71
N GLU A 92 21.95 -3.07 -9.81
CA GLU A 92 23.21 -3.81 -9.72
C GLU A 92 23.09 -5.14 -10.49
N MET A 93 24.23 -5.82 -10.72
CA MET A 93 24.24 -7.15 -11.37
C MET A 93 24.90 -8.19 -10.47
N SER A 94 24.33 -9.39 -10.47
CA SER A 94 24.89 -10.49 -9.70
C SER A 94 26.13 -11.06 -10.41
N SER A 95 26.95 -11.79 -9.65
CA SER A 95 28.10 -12.54 -10.17
C SER A 95 27.73 -13.64 -11.22
N GLN A 96 26.46 -14.06 -11.24
CA GLN A 96 25.91 -14.89 -12.32
C GLN A 96 25.42 -14.06 -13.55
N GLY A 97 25.67 -12.74 -13.53
CA GLY A 97 25.19 -11.83 -14.56
C GLY A 97 23.69 -11.62 -14.61
N ILE A 98 23.00 -11.81 -13.47
CA ILE A 98 21.54 -11.60 -13.39
C ILE A 98 21.31 -10.18 -12.80
N PRO A 99 20.41 -9.38 -13.43
CA PRO A 99 20.22 -8.01 -12.93
C PRO A 99 19.52 -7.96 -11.56
N LYS A 100 19.98 -7.06 -10.68
CA LYS A 100 19.54 -6.98 -9.29
C LYS A 100 19.02 -5.56 -9.08
N PRO A 101 17.77 -5.31 -9.50
CA PRO A 101 17.18 -3.96 -9.36
C PRO A 101 16.84 -3.64 -7.89
N MET A 102 17.19 -2.43 -7.47
CA MET A 102 17.01 -2.00 -6.10
C MET A 102 16.09 -0.80 -6.07
N VAL A 103 15.12 -0.83 -5.18
CA VAL A 103 14.20 0.28 -4.97
C VAL A 103 14.58 0.96 -3.64
N ILE A 104 14.71 2.29 -3.68
CA ILE A 104 15.10 3.07 -2.52
C ILE A 104 13.91 3.82 -1.99
N LEU A 105 13.60 3.59 -0.70
CA LEU A 105 12.40 4.14 -0.08
C LEU A 105 12.75 4.72 1.26
N PRO A 106 11.90 5.57 1.82
CA PRO A 106 12.20 6.09 3.15
C PRO A 106 12.21 4.96 4.20
N PHE A 107 13.08 5.12 5.17
CA PHE A 107 13.10 4.31 6.32
C PHE A 107 12.03 4.78 7.29
N MET A 108 11.10 3.87 7.59
CA MET A 108 9.95 4.16 8.47
C MET A 108 9.99 3.28 9.70
N LYS A 109 10.42 3.89 10.81
CA LYS A 109 10.71 3.17 12.02
C LYS A 109 9.47 2.40 12.58
N TYR A 110 8.25 2.93 12.39
CA TYR A 110 7.03 2.25 12.86
C TYR A 110 6.54 1.12 11.97
N GLY A 111 7.12 0.96 10.79
CA GLY A 111 6.91 -0.25 10.00
C GLY A 111 5.52 -0.25 9.33
N ASP A 112 5.09 -1.43 8.93
CA ASP A 112 3.80 -1.55 8.20
C ASP A 112 2.63 -1.46 9.18
N LEU A 113 1.50 -1.05 8.67
CA LEU A 113 0.33 -0.79 9.51
C LEU A 113 -0.22 -2.08 10.15
N HIS A 114 -0.17 -3.18 9.40
CA HIS A 114 -0.69 -4.45 9.92
C HIS A 114 0.01 -4.89 11.20
N THR A 115 1.32 -4.94 11.11
CA THR A 115 2.13 -5.32 12.25
C THR A 115 1.92 -4.35 13.44
N TYR A 116 1.79 -3.08 13.15
CA TYR A 116 1.59 -2.11 14.18
C TYR A 116 0.28 -2.37 14.96
N LEU A 117 -0.78 -2.73 14.22
CA LEU A 117 -2.06 -3.04 14.85
C LEU A 117 -1.95 -4.24 15.77
N LEU A 118 -1.27 -5.29 15.31
CA LEU A 118 -1.06 -6.47 16.10
C LEU A 118 -0.28 -6.12 17.39
N TYR A 119 0.78 -5.30 17.27
CA TYR A 119 1.61 -4.96 18.39
C TYR A 119 0.82 -4.12 19.40
N SER A 120 -0.11 -3.31 18.94
CA SER A 120 -0.92 -2.50 19.89
C SER A 120 -1.72 -3.40 20.87
N ARG A 121 -1.79 -4.70 20.60
CA ARG A 121 -2.53 -5.65 21.44
C ARG A 121 -1.64 -6.42 22.39
N LEU A 122 -0.35 -6.07 22.37
CA LEU A 122 0.67 -6.57 23.26
C LEU A 122 1.08 -5.42 24.19
N GLU A 123 1.54 -5.77 25.38
CA GLU A 123 1.81 -4.79 26.43
C GLU A 123 3.02 -3.91 26.12
N THR A 124 4.08 -4.47 25.52
CA THR A 124 5.27 -3.65 25.15
C THR A 124 5.11 -2.85 23.83
N GLY A 125 4.21 -3.27 22.94
CA GLY A 125 3.95 -2.52 21.71
C GLY A 125 3.27 -1.18 21.98
N PRO A 126 2.92 -0.40 20.90
CA PRO A 126 2.10 0.82 21.05
C PRO A 126 0.93 0.64 21.99
N ARG A 127 0.44 1.71 22.60
CA ARG A 127 -0.73 1.62 23.48
C ARG A 127 -1.95 1.15 22.68
N HIS A 128 -3.02 0.82 23.38
CA HIS A 128 -4.33 0.68 22.76
C HIS A 128 -4.59 1.89 21.79
N ILE A 129 -5.07 1.57 20.59
CA ILE A 129 -5.31 2.57 19.54
C ILE A 129 -6.78 2.90 19.65
N PRO A 130 -7.13 4.14 20.02
CA PRO A 130 -8.58 4.45 19.99
C PRO A 130 -9.30 4.47 18.64
N LEU A 131 -10.63 4.40 18.72
CA LEU A 131 -11.50 4.57 17.58
C LEU A 131 -11.04 5.71 16.63
N GLN A 132 -10.82 6.91 17.16
CA GLN A 132 -10.49 8.10 16.37
C GLN A 132 -9.26 7.91 15.52
N THR A 133 -8.27 7.23 16.07
CA THR A 133 -7.02 7.02 15.40
C THR A 133 -7.16 5.95 14.31
N LEU A 134 -7.86 4.88 14.60
CA LEU A 134 -8.16 3.87 13.56
C LEU A 134 -8.88 4.47 12.35
N LEU A 135 -9.79 5.40 12.58
CA LEU A 135 -10.50 6.08 11.51
C LEU A 135 -9.61 7.03 10.75
N ARG A 136 -8.77 7.77 11.47
CA ARG A 136 -7.72 8.59 10.87
C ARG A 136 -6.83 7.82 9.89
N PHE A 137 -6.46 6.59 10.26
CA PHE A 137 -5.65 5.70 9.41
C PHE A 137 -6.42 5.40 8.10
N MET A 138 -7.73 5.21 8.22
CA MET A 138 -8.56 4.92 7.07
C MET A 138 -8.70 6.12 6.12
N VAL A 139 -8.83 7.30 6.69
CA VAL A 139 -8.91 8.56 5.95
C VAL A 139 -7.59 8.78 5.19
N ASP A 140 -6.46 8.57 5.86
CA ASP A 140 -5.14 8.66 5.21
C ASP A 140 -4.97 7.75 3.99
N ILE A 141 -5.36 6.50 4.14
CA ILE A 141 -5.33 5.53 3.04
C ILE A 141 -6.26 5.93 1.89
N ALA A 142 -7.48 6.35 2.23
CA ALA A 142 -8.43 6.87 1.24
C ALA A 142 -7.87 8.07 0.50
N LEU A 143 -7.17 8.96 1.21
CA LEU A 143 -6.59 10.14 0.60
C LEU A 143 -5.52 9.74 -0.42
N GLY A 144 -4.65 8.81 -0.04
CA GLY A 144 -3.66 8.30 -0.93
C GLY A 144 -4.27 7.60 -2.11
N MET A 145 -5.30 6.82 -1.88
CA MET A 145 -5.98 6.12 -2.98
C MET A 145 -6.78 7.07 -3.89
N GLU A 146 -7.40 8.11 -3.31
CA GLU A 146 -8.06 9.17 -4.08
C GLU A 146 -7.05 9.82 -5.07
N TYR A 147 -5.85 10.14 -4.57
CA TYR A 147 -4.77 10.68 -5.42
C TYR A 147 -4.41 9.77 -6.59
N LEU A 148 -4.13 8.51 -6.29
CA LEU A 148 -3.78 7.53 -7.30
C LEU A 148 -4.88 7.29 -8.34
N SER A 149 -6.12 7.08 -7.93
CA SER A 149 -7.18 6.78 -8.90
C SER A 149 -7.45 8.00 -9.75
N ASN A 150 -7.28 9.20 -9.20
CA ASN A 150 -7.50 10.43 -9.94
C ASN A 150 -6.45 10.62 -11.05
N ARG A 151 -5.27 10.03 -10.87
CA ARG A 151 -4.32 9.86 -11.97
C ARG A 151 -4.29 8.46 -12.58
N ASN A 152 -5.42 7.78 -12.53
CA ASN A 152 -5.68 6.48 -13.19
C ASN A 152 -4.71 5.37 -12.95
N PHE A 153 -4.06 5.43 -11.81
CA PHE A 153 -3.17 4.37 -11.41
C PHE A 153 -3.91 3.36 -10.53
N LEU A 154 -3.78 2.09 -10.90
CA LEU A 154 -4.29 0.97 -10.12
C LEU A 154 -3.20 0.41 -9.22
N HIS A 155 -3.56 0.17 -7.96
CA HIS A 155 -2.63 -0.30 -6.93
C HIS A 155 -2.42 -1.82 -7.08
N ARG A 156 -3.52 -2.56 -7.05
CA ARG A 156 -3.59 -4.01 -7.27
C ARG A 156 -3.24 -4.94 -6.08
N ASP A 157 -2.79 -4.39 -4.96
CA ASP A 157 -2.40 -5.20 -3.79
C ASP A 157 -2.58 -4.37 -2.49
N LEU A 158 -3.74 -3.73 -2.38
CA LEU A 158 -4.01 -2.85 -1.27
C LEU A 158 -4.45 -3.74 -0.12
N ALA A 159 -3.79 -3.56 1.00
CA ALA A 159 -3.97 -4.38 2.19
C ALA A 159 -3.26 -3.64 3.31
N ALA A 160 -3.62 -3.88 4.58
CA ALA A 160 -2.92 -3.18 5.70
C ALA A 160 -1.41 -3.42 5.76
N ARG A 161 -0.95 -4.59 5.32
CA ARG A 161 0.49 -4.90 5.28
C ARG A 161 1.29 -4.05 4.27
N ASN A 162 0.59 -3.42 3.31
CA ASN A 162 1.19 -2.57 2.29
C ASN A 162 0.95 -1.09 2.52
N CYS A 163 0.52 -0.73 3.72
CA CYS A 163 0.41 0.66 4.11
C CYS A 163 1.49 0.85 5.21
N MET A 164 2.15 2.00 5.20
CA MET A 164 3.27 2.25 6.08
C MET A 164 2.92 3.41 7.01
N LEU A 165 3.43 3.35 8.23
CA LEU A 165 3.27 4.45 9.15
C LEU A 165 4.53 5.29 9.16
N ARG A 166 4.33 6.60 9.03
CA ARG A 166 5.44 7.54 9.01
C ARG A 166 5.63 7.99 10.44
N ASP A 167 6.75 8.70 10.68
CA ASP A 167 7.17 9.07 12.04
C ASP A 167 6.12 9.95 12.75
N ASP A 168 5.37 10.72 11.97
CA ASP A 168 4.28 11.53 12.49
C ASP A 168 2.93 10.80 12.55
N MET A 169 2.92 9.47 12.42
CA MET A 169 1.72 8.63 12.48
C MET A 169 0.78 8.78 11.28
N THR A 170 1.28 9.39 10.20
CA THR A 170 0.54 9.47 8.96
C THR A 170 0.70 8.12 8.29
N VAL A 171 -0.36 7.62 7.66
CA VAL A 171 -0.28 6.36 6.91
C VAL A 171 -0.11 6.73 5.44
N CYS A 172 0.74 5.99 4.73
CA CYS A 172 0.83 6.15 3.29
C CYS A 172 0.67 4.82 2.63
N VAL A 173 0.03 4.81 1.47
CA VAL A 173 -0.04 3.59 0.68
C VAL A 173 1.33 3.29 -0.01
N ALA A 174 1.62 2.01 -0.13
CA ALA A 174 2.92 1.54 -0.58
C ALA A 174 2.78 0.23 -1.34
N ASP A 175 3.90 -0.23 -1.89
CA ASP A 175 4.02 -1.51 -2.61
C ASP A 175 3.08 -1.74 -3.81
N PHE A 176 3.08 -0.80 -4.74
CA PHE A 176 2.05 -0.82 -5.79
C PHE A 176 2.33 -1.91 -6.81
N PRO A 197 -3.24 -13.01 -2.77
CA PRO A 197 -3.95 -12.39 -1.66
C PRO A 197 -5.46 -12.47 -1.93
N VAL A 198 -5.96 -13.71 -1.96
CA VAL A 198 -7.32 -14.03 -2.50
C VAL A 198 -8.43 -13.29 -1.77
N LYS A 199 -8.22 -13.10 -0.47
CA LYS A 199 -9.22 -12.51 0.41
C LYS A 199 -9.32 -10.99 0.30
N TRP A 200 -8.43 -10.37 -0.45
CA TRP A 200 -8.52 -8.94 -0.75
C TRP A 200 -9.09 -8.67 -2.17
N ILE A 201 -9.28 -9.72 -2.97
CA ILE A 201 -9.61 -9.60 -4.40
C ILE A 201 -11.12 -9.57 -4.62
N ALA A 202 -11.57 -8.58 -5.39
CA ALA A 202 -12.99 -8.35 -5.60
C ALA A 202 -13.64 -9.49 -6.40
N ILE A 203 -14.94 -9.70 -6.16
CA ILE A 203 -15.70 -10.80 -6.78
C ILE A 203 -15.49 -10.98 -8.31
N GLU A 204 -15.42 -9.86 -9.04
CA GLU A 204 -15.30 -9.81 -10.50
C GLU A 204 -13.89 -10.05 -11.03
N SER A 205 -12.86 -9.75 -10.24
CA SER A 205 -11.48 -10.04 -10.60
C SER A 205 -11.11 -11.48 -10.25
N LEU A 206 -11.90 -12.10 -9.37
CA LEU A 206 -11.84 -13.55 -9.17
C LEU A 206 -12.48 -14.21 -10.39
N ALA A 207 -13.64 -13.68 -10.81
CA ALA A 207 -14.37 -14.19 -11.99
C ALA A 207 -13.64 -13.93 -13.32
N ASP A 208 -13.66 -12.69 -13.80
CA ASP A 208 -13.13 -12.31 -15.11
C ASP A 208 -11.61 -12.10 -15.18
N ARG A 209 -10.91 -12.11 -14.05
CA ARG A 209 -9.57 -11.52 -13.95
C ARG A 209 -9.59 -10.03 -14.40
N VAL A 210 -10.79 -9.42 -14.45
CA VAL A 210 -11.03 -8.03 -14.88
C VAL A 210 -10.82 -7.15 -13.65
N TYR A 211 -10.15 -6.01 -13.81
CA TYR A 211 -9.68 -5.22 -12.66
C TYR A 211 -9.68 -3.68 -12.86
N THR A 212 -10.63 -3.00 -12.21
CA THR A 212 -10.73 -1.54 -12.25
C THR A 212 -10.31 -0.90 -10.93
N SER A 213 -10.40 0.41 -10.85
CA SER A 213 -10.25 1.11 -9.60
C SER A 213 -11.35 0.76 -8.61
N LYS A 214 -12.50 0.24 -9.06
CA LYS A 214 -13.55 -0.24 -8.18
C LYS A 214 -13.17 -1.56 -7.51
N SER A 215 -12.34 -2.35 -8.18
CA SER A 215 -11.64 -3.46 -7.55
C SER A 215 -10.72 -2.95 -6.40
N ASP A 216 -9.90 -1.92 -6.63
CA ASP A 216 -9.17 -1.27 -5.53
C ASP A 216 -10.09 -0.80 -4.40
N VAL A 217 -11.26 -0.27 -4.73
CA VAL A 217 -12.26 0.10 -3.70
C VAL A 217 -12.65 -1.09 -2.85
N TRP A 218 -12.90 -2.22 -3.49
CA TRP A 218 -13.17 -3.45 -2.75
C TRP A 218 -12.05 -3.76 -1.77
N ALA A 219 -10.81 -3.81 -2.27
CA ALA A 219 -9.63 -4.03 -1.41
C ALA A 219 -9.51 -3.00 -0.25
N PHE A 220 -9.85 -1.75 -0.51
CA PHE A 220 -9.89 -0.75 0.53
C PHE A 220 -10.91 -1.07 1.63
N GLY A 221 -12.07 -1.60 1.27
CA GLY A 221 -13.03 -1.98 2.32
C GLY A 221 -12.50 -3.09 3.22
N VAL A 222 -11.88 -4.10 2.61
CA VAL A 222 -11.19 -5.18 3.34
C VAL A 222 -10.11 -4.60 4.26
N THR A 223 -9.30 -3.71 3.73
CA THR A 223 -8.27 -3.06 4.52
C THR A 223 -8.89 -2.29 5.68
N MET A 224 -10.02 -1.61 5.46
CA MET A 224 -10.71 -0.90 6.54
C MET A 224 -11.14 -1.90 7.66
N TRP A 225 -11.66 -3.07 7.26
CA TRP A 225 -12.03 -4.16 8.17
C TRP A 225 -10.80 -4.69 8.94
N GLU A 226 -9.66 -4.88 8.26
CA GLU A 226 -8.39 -5.24 8.97
C GLU A 226 -8.05 -4.24 10.05
N ILE A 227 -8.25 -2.95 9.76
CA ILE A 227 -7.94 -1.90 10.71
C ILE A 227 -8.90 -1.91 11.91
N ALA A 228 -10.21 -1.97 11.61
CA ALA A 228 -11.25 -1.99 12.64
C ALA A 228 -11.17 -3.24 13.57
N THR A 229 -10.71 -4.38 13.06
CA THR A 229 -10.44 -5.61 13.90
C THR A 229 -9.05 -5.64 14.52
N ARG A 230 -8.28 -4.56 14.34
CA ARG A 230 -6.90 -4.48 14.80
C ARG A 230 -6.05 -5.63 14.31
N GLY A 231 -6.25 -6.01 13.04
CA GLY A 231 -5.33 -6.90 12.36
C GLY A 231 -5.78 -8.33 12.15
N MET A 232 -7.07 -8.63 12.34
CA MET A 232 -7.59 -9.96 12.02
C MET A 232 -7.43 -10.29 10.53
N THR A 233 -7.17 -11.57 10.25
CA THR A 233 -7.28 -12.10 8.88
C THR A 233 -8.74 -12.09 8.40
N PRO A 234 -9.02 -11.58 7.19
CA PRO A 234 -10.37 -11.55 6.67
C PRO A 234 -11.01 -12.93 6.57
N TYR A 235 -12.30 -13.01 6.91
CA TYR A 235 -13.16 -14.19 6.67
C TYR A 235 -12.66 -15.34 7.50
N PRO A 236 -12.67 -15.15 8.85
CA PRO A 236 -12.33 -16.26 9.72
C PRO A 236 -13.31 -17.42 9.48
N GLY A 237 -12.81 -18.65 9.49
CA GLY A 237 -13.68 -19.79 9.19
C GLY A 237 -13.75 -20.16 7.73
N VAL A 238 -13.39 -19.25 6.82
CA VAL A 238 -13.52 -19.50 5.38
C VAL A 238 -12.15 -19.69 4.78
N GLN A 239 -12.02 -20.70 3.92
CA GLN A 239 -10.71 -21.07 3.38
C GLN A 239 -10.57 -20.42 2.01
N ASN A 240 -9.33 -20.20 1.58
CA ASN A 240 -9.09 -19.50 0.31
C ASN A 240 -9.76 -20.12 -0.89
N HIS A 241 -9.77 -21.45 -0.97
CA HIS A 241 -10.45 -22.12 -2.08
C HIS A 241 -11.99 -21.94 -2.07
N GLU A 242 -12.55 -21.74 -0.87
CA GLU A 242 -14.00 -21.47 -0.68
C GLU A 242 -14.42 -20.02 -1.00
N MET A 243 -13.47 -19.10 -1.24
CA MET A 243 -13.78 -17.65 -1.22
C MET A 243 -14.73 -17.21 -2.31
N TYR A 244 -14.49 -17.68 -3.54
CA TYR A 244 -15.30 -17.22 -4.66
C TYR A 244 -16.76 -17.59 -4.53
N ASP A 245 -16.99 -18.82 -4.05
CA ASP A 245 -18.33 -19.34 -3.86
C ASP A 245 -19.03 -18.68 -2.67
N TYR A 246 -18.23 -18.25 -1.70
CA TYR A 246 -18.75 -17.56 -0.51
C TYR A 246 -19.34 -16.20 -0.92
N LEU A 247 -18.57 -15.46 -1.70
CA LEU A 247 -18.99 -14.15 -2.20
C LEU A 247 -20.09 -14.30 -3.25
N LEU A 248 -19.97 -15.34 -4.09
CA LEU A 248 -20.99 -15.66 -5.10
C LEU A 248 -22.37 -15.83 -4.50
N HIS A 249 -22.48 -16.41 -3.30
CA HIS A 249 -23.77 -16.51 -2.59
C HIS A 249 -24.10 -15.28 -1.74
N GLY A 250 -23.41 -14.17 -1.99
CA GLY A 250 -23.74 -12.89 -1.38
C GLY A 250 -23.22 -12.64 0.03
N HIS A 251 -22.37 -13.51 0.55
CA HIS A 251 -21.77 -13.27 1.87
C HIS A 251 -20.61 -12.28 1.78
N ARG A 252 -20.50 -11.45 2.81
CA ARG A 252 -19.44 -10.44 2.95
C ARG A 252 -18.82 -10.51 4.34
N LEU A 253 -17.73 -9.76 4.53
CA LEU A 253 -17.10 -9.63 5.86
C LEU A 253 -18.09 -9.17 6.91
N LYS A 254 -17.96 -9.70 8.11
CA LYS A 254 -18.91 -9.41 9.18
C LYS A 254 -18.49 -8.16 9.87
N GLN A 255 -19.47 -7.48 10.44
CA GLN A 255 -19.22 -6.29 11.23
C GLN A 255 -18.40 -6.57 12.43
N PRO A 256 -17.28 -5.84 12.61
CA PRO A 256 -16.51 -6.07 13.83
C PRO A 256 -17.16 -5.55 15.09
N GLU A 257 -16.82 -6.17 16.20
CA GLU A 257 -17.34 -5.80 17.51
C GLU A 257 -16.91 -4.34 17.77
N ASP A 258 -17.80 -3.55 18.35
CA ASP A 258 -17.48 -2.14 18.66
C ASP A 258 -17.01 -1.30 17.42
N CYS A 259 -17.43 -1.68 16.21
CA CYS A 259 -17.25 -0.86 15.00
C CYS A 259 -18.60 -0.17 14.79
N LEU A 260 -18.58 1.16 14.68
CA LEU A 260 -19.80 1.96 14.44
C LEU A 260 -20.58 1.46 13.27
N ASP A 261 -21.91 1.56 13.38
CA ASP A 261 -22.77 1.06 12.32
C ASP A 261 -22.47 1.79 11.02
N GLU A 262 -22.16 3.07 11.14
CA GLU A 262 -21.97 3.94 9.98
C GLU A 262 -20.64 3.69 9.32
N LEU A 263 -19.62 3.37 10.12
CA LEU A 263 -18.37 2.87 9.57
C LEU A 263 -18.56 1.56 8.82
N TYR A 264 -19.36 0.65 9.38
CA TYR A 264 -19.65 -0.61 8.69
C TYR A 264 -20.37 -0.44 7.36
N GLU A 265 -21.33 0.50 7.34
CA GLU A 265 -22.05 0.84 6.10
C GLU A 265 -21.07 1.24 4.98
N ILE A 266 -20.12 2.07 5.36
CA ILE A 266 -19.10 2.53 4.44
C ILE A 266 -18.28 1.36 3.90
N MET A 267 -17.79 0.49 4.78
CA MET A 267 -16.99 -0.60 4.28
C MET A 267 -17.85 -1.54 3.47
N TYR A 268 -19.08 -1.79 3.90
CA TYR A 268 -19.97 -2.68 3.15
C TYR A 268 -20.25 -2.17 1.72
N SER A 269 -20.41 -0.84 1.59
CA SER A 269 -20.52 -0.23 0.22
C SER A 269 -19.37 -0.58 -0.75
N CYS A 270 -18.19 -0.87 -0.20
CA CYS A 270 -17.05 -1.24 -1.01
C CYS A 270 -17.19 -2.60 -1.66
N TRP A 271 -18.08 -3.45 -1.14
CA TRP A 271 -18.24 -4.84 -1.60
C TRP A 271 -19.54 -5.11 -2.39
N ARG A 272 -20.26 -4.06 -2.74
CA ARG A 272 -21.45 -4.18 -3.58
C ARG A 272 -21.10 -5.00 -4.80
N THR A 273 -21.95 -5.97 -5.12
CA THR A 273 -21.71 -6.92 -6.22
C THR A 273 -21.30 -6.32 -7.53
N ASP A 274 -22.02 -5.27 -7.92
CA ASP A 274 -21.79 -4.53 -9.17
C ASP A 274 -20.82 -3.36 -8.90
N PRO A 275 -19.63 -3.36 -9.55
CA PRO A 275 -18.60 -2.33 -9.35
C PRO A 275 -19.07 -0.90 -9.49
N LEU A 276 -20.04 -0.69 -10.38
CA LEU A 276 -20.50 0.64 -10.68
C LEU A 276 -21.31 1.16 -9.52
N ASP A 277 -21.87 0.26 -8.69
CA ASP A 277 -22.58 0.71 -7.47
C ASP A 277 -21.65 1.11 -6.31
N ARG A 278 -20.39 0.69 -6.37
CA ARG A 278 -19.42 1.04 -5.29
C ARG A 278 -19.08 2.52 -5.34
N PRO A 279 -18.90 3.16 -4.19
CA PRO A 279 -18.44 4.55 -4.27
C PRO A 279 -16.98 4.68 -4.80
N THR A 280 -16.67 5.85 -5.33
CA THR A 280 -15.29 6.20 -5.65
C THR A 280 -14.52 6.48 -4.35
N PHE A 281 -13.18 6.47 -4.44
CA PHE A 281 -12.36 6.88 -3.31
C PHE A 281 -12.64 8.30 -2.87
N SER A 282 -12.97 9.18 -3.79
CA SER A 282 -13.30 10.53 -3.38
C SER A 282 -14.51 10.57 -2.45
N VAL A 283 -15.55 9.79 -2.79
CA VAL A 283 -16.79 9.78 -2.04
C VAL A 283 -16.53 9.14 -0.67
N LEU A 284 -15.82 8.02 -0.71
CA LEU A 284 -15.42 7.32 0.55
C LEU A 284 -14.66 8.20 1.48
N ARG A 285 -13.73 8.95 0.93
CA ARG A 285 -12.88 9.75 1.73
C ARG A 285 -13.67 10.83 2.42
N LEU A 286 -14.62 11.44 1.73
CA LEU A 286 -15.38 12.46 2.39
C LEU A 286 -16.29 11.85 3.44
N GLN A 287 -16.86 10.67 3.14
CA GLN A 287 -17.69 9.93 4.13
C GLN A 287 -16.92 9.65 5.39
N LEU A 288 -15.67 9.25 5.25
CA LEU A 288 -14.84 8.92 6.39
C LEU A 288 -14.42 10.18 7.20
N GLU A 289 -14.06 11.24 6.50
CA GLU A 289 -13.78 12.52 7.15
C GLU A 289 -14.97 13.09 7.91
N ARG A 290 -16.16 12.98 7.35
CA ARG A 290 -17.34 13.42 8.06
C ARG A 290 -17.53 12.60 9.36
N LEU A 291 -17.60 11.28 9.23
CA LEU A 291 -17.67 10.41 10.41
C LEU A 291 -16.65 10.81 11.48
N LEU A 292 -15.39 10.97 11.09
CA LEU A 292 -14.33 11.32 12.03
C LEU A 292 -14.59 12.66 12.71
N GLU A 293 -15.01 13.62 11.89
CA GLU A 293 -15.38 14.96 12.35
C GLU A 293 -16.41 14.85 13.46
N SER A 294 -17.40 13.99 13.25
CA SER A 294 -18.49 13.81 14.22
C SER A 294 -18.13 13.14 15.56
N LEU A 295 -16.91 12.66 15.74
CA LEU A 295 -16.55 12.01 16.99
C LEU A 295 -16.00 12.98 18.02
N PRO A 296 -16.25 12.68 19.31
CA PRO A 296 -15.72 13.48 20.41
C PRO A 296 -14.27 13.14 20.72
C1 R6N B . 7.90 -0.23 1.18
C2 R6N B . 8.91 -1.06 1.97
C3 R6N B . 9.94 -0.21 2.72
N6 R6N B . 11.48 1.63 15.83
C7 R6N B . 10.60 -2.90 8.49
C8 R6N B . 11.26 -1.79 8.94
C9 R6N B . 11.12 -0.77 7.96
C10 R6N B . 11.52 0.56 7.76
C11 R6N B . 11.99 -1.64 10.21
C12 R6N B . 12.16 -0.38 10.79
C13 R6N B . 12.84 -0.22 11.97
C14 R6N B . 13.38 -1.33 12.63
C15 R6N B . 13.23 -2.59 12.06
C16 R6N B . 12.54 -2.74 10.86
C19 R6N B . 12.86 2.03 15.55
C20 R6N B . 11.47 0.23 16.25
C21 R6N B . 12.07 -0.66 15.18
C22 R6N B . 10.88 2.49 16.86
C24 R6N B . 7.78 -3.40 6.67
C27 R6N B . 8.89 -4.70 4.26
C4 R6N B . 9.30 0.90 3.55
N1 R6N B . 10.16 1.36 4.63
C5 R6N B . 10.46 0.62 5.73
N2 R6N B . 10.02 -0.63 5.78
C6 R6N B . 10.36 -1.31 6.90
N3 R6N B . 10.06 -2.62 7.25
N4 R6N B . 11.19 1.24 6.67
C17 R6N B . 14.13 -1.15 13.93
N5 R6N B . 13.45 -0.24 14.89
C18 R6N B . 13.47 1.16 14.48
C23 R6N B . 9.28 -3.61 6.49
C25 R6N B . 7.01 -4.49 5.92
C26 R6N B . 7.39 -4.52 4.46
C28 R6N B . 9.69 -3.65 5.01
O1 R6N B . 6.68 -5.58 3.83
CL CL C . -16.10 -12.31 8.35
CL CL D . -6.12 -11.75 14.99
CL CL E . 6.75 8.67 2.30
CL CL F . 27.30 -0.90 0.06
S DMS G . -22.96 -11.28 5.88
O DMS G . -22.55 -11.60 4.50
C1 DMS G . -22.33 -12.55 6.87
C2 DMS G . -22.17 -9.88 6.46
S DMS H . 9.46 8.94 7.54
O DMS H . 9.00 8.10 8.67
C1 DMS H . 8.90 10.55 7.82
C2 DMS H . 11.16 9.05 7.65
#